data_2OXD
#
_entry.id   2OXD
#
_cell.length_a   142.148
_cell.length_b   60.316
_cell.length_c   46.238
_cell.angle_alpha   90.00
_cell.angle_beta   103.56
_cell.angle_gamma   90.00
#
_symmetry.space_group_name_H-M   'C 1 2 1'
#
loop_
_entity.id
_entity.type
_entity.pdbx_description
1 polymer 'Casein kinase II subunit alpha'
2 non-polymer 4,5,6,7-TETRABROMO-1H,3H-BENZIMIDAZOL-2-ONE
3 water water
#
_entity_poly.entity_id   1
_entity_poly.type   'polypeptide(L)'
_entity_poly.pdbx_seq_one_letter_code
;MSKARVYADVNVLRPKEYWDYEALTVQWGEQDDYEVVRKVGRGKYSEVFEGINVNNNEKCIIKILKPVKKKKIKREIKIL
QNLCGGPNIVKLLDIVRDQHSKTPSLIFEYVNNTDFKVLYPTLTDYDIRYYIYELLKALDYCHSQGIMHRDVKPHNVMID
HELRKLRLIDWGLAEFYHPGKEYNVRVASRYFKGPELLVDLQDYDYSLDMWSLGCMFAGMIFRKEPFFYGHDNHDQLVKI
AKVLGTDGLNVYLNKYRIELDPQLEALVGRHSRKPWLKFMNADNQHLVSPEAIDFLDKLLRYDHQERLTALEAMTHPYFQ
QVRAAENSRTRA
;
_entity_poly.pdbx_strand_id   A
#
# COMPACT_ATOMS: atom_id res chain seq x y z
N SER A 2 10.35 -14.75 12.73
CA SER A 2 10.52 -13.71 11.67
C SER A 2 10.53 -12.31 12.25
N LYS A 3 11.49 -11.50 11.81
CA LYS A 3 11.49 -10.07 12.15
C LYS A 3 11.88 -9.26 10.92
N ALA A 4 11.65 -7.94 10.98
CA ALA A 4 12.04 -7.04 9.91
C ALA A 4 13.57 -6.91 9.90
N ARG A 5 14.15 -6.88 8.70
CA ARG A 5 15.60 -6.77 8.53
C ARG A 5 16.05 -5.34 8.76
N VAL A 6 15.13 -4.39 8.54
CA VAL A 6 15.37 -2.96 8.76
C VAL A 6 14.25 -2.38 9.61
N TYR A 7 14.57 -1.30 10.33
CA TYR A 7 13.60 -0.51 11.09
C TYR A 7 12.81 -1.32 12.13
N ALA A 8 13.42 -2.41 12.59
CA ALA A 8 12.75 -3.37 13.46
C ALA A 8 12.49 -2.80 14.87
N ASP A 9 13.25 -1.77 15.24
CA ASP A 9 13.31 -1.27 16.60
C ASP A 9 12.74 0.14 16.78
N VAL A 10 12.19 0.69 15.71
CA VAL A 10 11.65 2.05 15.70
C VAL A 10 10.75 2.37 16.89
N ASN A 11 9.70 1.56 17.06
CA ASN A 11 8.68 1.75 18.09
C ASN A 11 9.12 1.47 19.55
N VAL A 12 10.12 0.60 19.70
CA VAL A 12 10.67 0.24 21.01
C VAL A 12 11.52 1.39 21.59
N LEU A 13 12.28 2.06 20.74
CA LEU A 13 13.09 3.20 21.19
C LEU A 13 12.24 4.45 21.45
N ARG A 14 11.13 4.60 20.72
CA ARG A 14 10.19 5.70 20.93
C ARG A 14 9.53 5.62 22.32
N PRO A 15 9.20 6.78 22.93
CA PRO A 15 8.30 6.77 24.09
C PRO A 15 6.98 6.07 23.76
N LYS A 16 6.43 5.31 24.71
CA LYS A 16 5.19 4.53 24.50
C LYS A 16 4.05 5.35 23.90
N GLU A 17 4.12 6.66 24.04
CA GLU A 17 3.04 7.55 23.61
C GLU A 17 2.95 7.68 22.09
N TYR A 18 4.04 7.32 21.40
CA TYR A 18 4.09 7.33 19.95
C TYR A 18 3.22 6.23 19.35
N TRP A 19 3.25 5.03 19.93
CA TRP A 19 2.59 3.88 19.33
C TRP A 19 1.35 3.38 20.08
N ASP A 20 1.11 3.91 21.27
CA ASP A 20 -0.09 3.59 22.04
C ASP A 20 -1.22 4.47 21.51
N TYR A 21 -1.90 3.97 20.48
CA TYR A 21 -2.90 4.78 19.77
C TYR A 21 -4.23 4.94 20.51
N GLU A 22 -4.46 4.09 21.52
CA GLU A 22 -5.63 4.23 22.40
C GLU A 22 -5.41 5.28 23.50
N ALA A 23 -4.15 5.59 23.80
CA ALA A 23 -3.79 6.68 24.70
C ALA A 23 -4.17 8.05 24.14
N LEU A 24 -4.45 8.10 22.84
CA LEU A 24 -4.81 9.33 22.16
C LEU A 24 -6.21 9.80 22.54
N THR A 25 -6.31 11.06 22.92
CA THR A 25 -7.60 11.70 23.03
C THR A 25 -7.71 12.62 21.83
N VAL A 26 -8.65 12.32 20.93
CA VAL A 26 -8.83 13.09 19.70
C VAL A 26 -9.34 14.49 20.04
N GLN A 27 -8.58 15.50 19.63
CA GLN A 27 -9.01 16.88 19.76
C GLN A 27 -9.84 17.20 18.53
N TRP A 28 -11.06 17.68 18.79
CA TRP A 28 -12.10 17.74 17.76
C TRP A 28 -12.25 19.10 17.11
N GLY A 29 -12.63 19.12 15.84
CA GLY A 29 -12.72 20.36 15.05
C GLY A 29 -14.11 20.79 14.63
N GLU A 30 -14.20 21.93 13.96
CA GLU A 30 -15.47 22.50 13.51
C GLU A 30 -15.98 21.91 12.18
N GLN A 31 -17.04 21.11 12.29
CA GLN A 31 -17.73 20.48 11.14
C GLN A 31 -18.18 21.47 10.07
N ASP A 32 -18.50 22.70 10.48
CA ASP A 32 -18.94 23.76 9.57
C ASP A 32 -17.84 24.27 8.64
N ASP A 33 -16.61 24.29 9.15
CA ASP A 33 -15.44 24.77 8.38
C ASP A 33 -15.40 24.15 6.99
N TYR A 34 -15.96 22.94 6.86
CA TYR A 34 -15.80 22.11 5.67
C TYR A 34 -17.11 21.71 5.01
N GLU A 35 -17.30 22.16 3.78
CA GLU A 35 -18.50 21.88 2.99
C GLU A 35 -18.24 20.92 1.85
N VAL A 36 -19.11 19.92 1.73
CA VAL A 36 -19.05 18.98 0.60
C VAL A 36 -19.41 19.67 -0.71
N VAL A 37 -18.51 19.54 -1.68
CA VAL A 37 -18.69 20.11 -3.03
C VAL A 37 -19.22 19.04 -4.01
N ARG A 38 -18.46 17.94 -4.18
CA ARG A 38 -18.82 16.81 -5.05
C ARG A 38 -18.32 15.50 -4.44
N LYS A 39 -18.96 14.37 -4.79
CA LYS A 39 -18.48 13.04 -4.39
C LYS A 39 -17.30 12.61 -5.26
N VAL A 40 -16.23 12.11 -4.62
CA VAL A 40 -15.03 11.68 -5.36
C VAL A 40 -14.71 10.19 -5.24
N GLY A 41 -15.14 9.56 -4.15
CA GLY A 41 -14.81 8.16 -3.92
C GLY A 41 -15.76 7.43 -2.99
N ARG A 42 -15.60 6.11 -2.95
CA ARG A 42 -16.39 5.23 -2.10
C ARG A 42 -15.52 4.02 -1.71
N GLY A 43 -15.92 3.33 -0.66
CA GLY A 43 -15.22 2.15 -0.19
C GLY A 43 -16.02 1.57 0.94
N LYS A 44 -15.54 0.47 1.51
CA LYS A 44 -16.26 -0.23 2.57
C LYS A 44 -16.44 0.58 3.85
N TYR A 45 -15.40 1.33 4.24
CA TYR A 45 -15.37 1.98 5.54
C TYR A 45 -15.60 3.49 5.48
N SER A 46 -15.73 4.04 4.27
CA SER A 46 -15.91 5.48 4.11
C SER A 46 -16.47 5.92 2.76
N GLU A 47 -17.04 7.12 2.77
CA GLU A 47 -17.36 7.89 1.55
C GLU A 47 -16.45 9.12 1.48
N VAL A 48 -16.06 9.49 0.27
CA VAL A 48 -15.05 10.53 0.12
C VAL A 48 -15.57 11.67 -0.76
N PHE A 49 -15.42 12.88 -0.27
CA PHE A 49 -15.91 14.06 -0.97
C PHE A 49 -14.82 15.11 -1.18
N GLU A 50 -14.85 15.75 -2.33
CA GLU A 50 -14.11 16.99 -2.50
C GLU A 50 -14.81 18.04 -1.64
N GLY A 51 -14.03 18.88 -0.98
CA GLY A 51 -14.61 19.86 -0.11
C GLY A 51 -14.07 21.24 -0.31
N ILE A 52 -14.56 22.15 0.52
CA ILE A 52 -14.08 23.52 0.57
C ILE A 52 -13.90 23.86 2.05
N ASN A 53 -12.79 24.53 2.36
CA ASN A 53 -12.62 25.20 3.64
C ASN A 53 -13.26 26.58 3.51
N VAL A 54 -14.37 26.81 4.20
CA VAL A 54 -15.08 28.09 4.09
C VAL A 54 -14.33 29.28 4.72
N ASN A 55 -13.45 29.01 5.69
CA ASN A 55 -12.59 30.05 6.27
C ASN A 55 -11.69 30.75 5.23
N ASN A 56 -11.11 29.98 4.33
CA ASN A 56 -10.08 30.49 3.44
C ASN A 56 -10.23 30.09 1.99
N ASN A 57 -11.31 29.37 1.67
CA ASN A 57 -11.64 28.94 0.30
C ASN A 57 -10.69 27.94 -0.36
N GLU A 58 -9.82 27.31 0.43
CA GLU A 58 -8.98 26.23 -0.10
C GLU A 58 -9.82 24.96 -0.33
N LYS A 59 -9.58 24.28 -1.44
CA LYS A 59 -10.13 22.96 -1.68
C LYS A 59 -9.60 22.01 -0.64
N CYS A 60 -10.34 20.95 -0.37
CA CYS A 60 -9.93 19.91 0.57
C CYS A 60 -10.60 18.58 0.23
N ILE A 61 -10.16 17.53 0.89
CA ILE A 61 -10.79 16.21 0.80
C ILE A 61 -11.47 15.94 2.16
N ILE A 62 -12.77 15.67 2.11
CA ILE A 62 -13.53 15.33 3.29
C ILE A 62 -13.81 13.84 3.21
N LYS A 63 -13.31 13.10 4.18
CA LYS A 63 -13.54 11.67 4.20
C LYS A 63 -14.49 11.36 5.33
N ILE A 64 -15.73 11.04 4.99
CA ILE A 64 -16.75 10.70 6.00
C ILE A 64 -16.78 9.19 6.25
N LEU A 65 -16.47 8.81 7.50
CA LEU A 65 -16.40 7.40 7.87
C LEU A 65 -17.78 6.82 8.16
N LYS A 66 -18.00 5.61 7.64
CA LYS A 66 -19.19 4.83 7.96
C LYS A 66 -19.04 4.32 9.39
N PRO A 67 -20.17 4.18 10.13
CA PRO A 67 -20.10 3.77 11.54
C PRO A 67 -18.95 2.79 11.81
N VAL A 68 -18.00 3.24 12.63
CA VAL A 68 -16.70 2.60 12.82
C VAL A 68 -16.36 2.49 14.30
N LYS A 69 -15.76 1.37 14.69
CA LYS A 69 -15.22 1.22 16.03
C LYS A 69 -14.22 2.32 16.37
N LYS A 70 -14.44 2.97 17.52
CA LYS A 70 -13.62 4.06 18.04
C LYS A 70 -12.10 3.75 18.06
N LYS A 71 -11.75 2.54 18.46
CA LYS A 71 -10.36 2.07 18.50
C LYS A 71 -9.69 2.06 17.12
N LYS A 72 -10.45 1.68 16.09
CA LYS A 72 -9.94 1.64 14.71
C LYS A 72 -9.72 3.06 14.13
N ILE A 73 -10.53 4.03 14.55
CA ILE A 73 -10.31 5.44 14.17
C ILE A 73 -9.12 6.06 14.90
N LYS A 74 -8.86 5.63 16.14
CA LYS A 74 -7.72 6.12 16.91
C LYS A 74 -6.40 5.73 16.22
N ARG A 75 -6.35 4.48 15.72
CA ARG A 75 -5.21 3.93 15.01
C ARG A 75 -4.93 4.68 13.71
N GLU A 76 -5.95 4.82 12.87
CA GLU A 76 -5.81 5.56 11.62
C GLU A 76 -5.38 7.00 11.88
N ILE A 77 -5.89 7.60 12.95
CA ILE A 77 -5.60 8.99 13.29
C ILE A 77 -4.18 9.19 13.85
N LYS A 78 -3.75 8.31 14.75
CA LYS A 78 -2.40 8.44 15.29
C LYS A 78 -1.35 8.17 14.21
N ILE A 79 -1.60 7.19 13.35
CA ILE A 79 -0.70 6.92 12.23
C ILE A 79 -0.54 8.19 11.38
N LEU A 80 -1.66 8.77 10.95
CA LEU A 80 -1.66 10.00 10.16
C LEU A 80 -0.96 11.20 10.80
N GLN A 81 -1.13 11.37 12.11
CA GLN A 81 -0.47 12.45 12.83
C GLN A 81 1.03 12.16 12.92
N ASN A 82 1.37 10.89 13.14
CA ASN A 82 2.78 10.44 13.19
C ASN A 82 3.50 10.70 11.87
N LEU A 83 2.78 10.54 10.77
CA LEU A 83 3.35 10.62 9.41
C LEU A 83 3.12 11.93 8.66
N CYS A 84 2.31 12.83 9.20
CA CYS A 84 2.02 14.11 8.55
C CYS A 84 3.31 14.91 8.40
N GLY A 85 3.60 15.35 7.18
CA GLY A 85 4.80 16.13 6.89
C GLY A 85 5.87 15.37 6.13
N GLY A 86 5.95 14.06 6.36
CA GLY A 86 6.88 13.21 5.63
C GLY A 86 6.55 13.02 4.15
N PRO A 87 7.56 12.58 3.35
CA PRO A 87 7.50 12.46 1.89
C PRO A 87 6.27 11.76 1.37
N ASN A 88 5.46 12.47 0.60
CA ASN A 88 4.34 11.87 -0.16
C ASN A 88 3.25 11.16 0.67
N ILE A 89 3.18 11.51 1.95
CA ILE A 89 2.15 11.02 2.87
C ILE A 89 1.02 12.04 2.85
N VAL A 90 -0.23 11.56 2.71
CA VAL A 90 -1.40 12.45 2.73
C VAL A 90 -1.46 13.20 4.03
N LYS A 91 -1.53 14.53 3.96
CA LYS A 91 -1.57 15.36 5.16
C LYS A 91 -3.01 15.48 5.68
N LEU A 92 -3.20 15.03 6.93
CA LEU A 92 -4.42 15.27 7.66
C LEU A 92 -4.53 16.74 8.04
N LEU A 93 -5.64 17.38 7.67
CA LEU A 93 -5.84 18.80 7.92
C LEU A 93 -6.59 19.10 9.22
N ASP A 94 -7.59 18.26 9.53
CA ASP A 94 -8.52 18.44 10.65
C ASP A 94 -9.29 17.15 10.80
N ILE A 95 -9.85 16.92 11.98
CA ILE A 95 -10.72 15.77 12.22
C ILE A 95 -12.01 16.35 12.79
N VAL A 96 -13.11 16.24 12.05
CA VAL A 96 -14.41 16.79 12.52
C VAL A 96 -15.53 15.74 12.63
N ARG A 97 -16.47 16.00 13.53
CA ARG A 97 -17.59 15.08 13.74
C ARG A 97 -18.94 15.80 13.60
N ASP A 98 -19.93 15.04 13.17
CA ASP A 98 -21.31 15.46 13.20
C ASP A 98 -21.69 15.67 14.67
N GLN A 99 -22.39 16.76 14.96
CA GLN A 99 -22.80 17.02 16.33
C GLN A 99 -23.91 16.07 16.82
N HIS A 100 -24.95 15.85 16.00
CA HIS A 100 -26.09 15.01 16.37
C HIS A 100 -25.77 13.50 16.54
N SER A 101 -25.27 12.86 15.47
CA SER A 101 -24.99 11.43 15.48
C SER A 101 -23.52 11.10 15.81
N LYS A 102 -22.66 12.13 15.79
CA LYS A 102 -21.22 12.01 16.06
C LYS A 102 -20.49 10.98 15.19
N THR A 103 -20.57 11.19 13.87
CA THR A 103 -19.82 10.39 12.92
C THR A 103 -18.64 11.23 12.42
N PRO A 104 -17.43 10.64 12.36
CA PRO A 104 -16.23 11.37 11.94
C PRO A 104 -16.10 11.66 10.44
N SER A 105 -15.54 12.82 10.13
CA SER A 105 -15.06 13.13 8.81
C SER A 105 -13.60 13.51 8.98
N LEU A 106 -12.72 12.94 8.18
CA LEU A 106 -11.31 13.25 8.27
C LEU A 106 -10.93 14.17 7.13
N ILE A 107 -10.35 15.32 7.46
CA ILE A 107 -10.12 16.35 6.45
C ILE A 107 -8.68 16.28 5.95
N PHE A 108 -8.53 16.13 4.64
CA PHE A 108 -7.21 15.93 4.04
C PHE A 108 -6.87 17.07 3.08
N GLU A 109 -5.57 17.19 2.76
CA GLU A 109 -5.14 17.98 1.62
C GLU A 109 -5.85 17.50 0.36
N TYR A 110 -6.14 18.41 -0.56
CA TYR A 110 -6.78 18.02 -1.79
C TYR A 110 -5.72 17.69 -2.82
N VAL A 111 -6.01 16.65 -3.60
CA VAL A 111 -5.18 16.25 -4.73
C VAL A 111 -6.14 16.13 -5.89
N ASN A 112 -5.86 16.85 -6.99
CA ASN A 112 -6.62 16.64 -8.22
C ASN A 112 -6.15 15.33 -8.85
N ASN A 113 -6.69 14.24 -8.33
CA ASN A 113 -6.37 12.91 -8.81
C ASN A 113 -7.05 12.57 -10.13
N THR A 114 -6.31 11.89 -11.01
CA THR A 114 -6.90 11.12 -12.09
C THR A 114 -6.85 9.64 -11.70
N ASP A 115 -8.01 9.00 -11.71
CA ASP A 115 -8.14 7.57 -11.44
C ASP A 115 -7.11 6.77 -12.25
N PHE A 116 -6.44 5.84 -11.58
CA PHE A 116 -5.43 4.99 -12.23
C PHE A 116 -5.90 4.21 -13.49
N LYS A 117 -7.14 3.69 -13.47
CA LYS A 117 -7.71 2.96 -14.62
C LYS A 117 -7.68 3.81 -15.89
N VAL A 118 -7.82 5.12 -15.68
CA VAL A 118 -7.74 6.11 -16.75
C VAL A 118 -6.28 6.53 -16.98
N LEU A 119 -5.62 6.98 -15.90
CA LEU A 119 -4.26 7.59 -15.95
C LEU A 119 -3.12 6.64 -16.39
N TYR A 120 -3.12 5.44 -15.83
CA TYR A 120 -2.04 4.47 -16.04
C TYR A 120 -1.71 4.13 -17.52
N PRO A 121 -2.72 3.87 -18.38
CA PRO A 121 -2.41 3.59 -19.79
C PRO A 121 -1.84 4.78 -20.57
N THR A 122 -1.87 5.97 -19.96
CA THR A 122 -1.34 7.17 -20.59
C THR A 122 0.14 7.38 -20.22
N LEU A 123 0.63 6.60 -19.27
CA LEU A 123 1.93 6.87 -18.69
C LEU A 123 3.13 6.38 -19.54
N THR A 124 4.10 7.28 -19.74
CA THR A 124 5.37 6.94 -20.37
C THR A 124 6.15 5.96 -19.48
N ASP A 125 7.22 5.40 -20.03
CA ASP A 125 8.13 4.55 -19.25
C ASP A 125 8.74 5.35 -18.09
N TYR A 126 9.15 6.59 -18.37
CA TYR A 126 9.75 7.43 -17.35
C TYR A 126 8.76 7.77 -16.22
N ASP A 127 7.51 8.06 -16.57
CA ASP A 127 6.50 8.43 -15.57
C ASP A 127 6.31 7.26 -14.65
N ILE A 128 6.17 6.05 -15.21
CA ILE A 128 6.05 4.84 -14.39
C ILE A 128 7.17 4.79 -13.32
N ARG A 129 8.41 4.89 -13.80
CA ARG A 129 9.62 4.97 -12.96
C ARG A 129 9.56 6.13 -11.95
N TYR A 130 9.15 7.31 -12.43
CA TYR A 130 8.96 8.48 -11.59
C TYR A 130 7.95 8.22 -10.46
N TYR A 131 6.79 7.70 -10.81
CA TYR A 131 5.74 7.50 -9.82
C TYR A 131 5.98 6.36 -8.83
N ILE A 132 6.55 5.26 -9.31
CA ILE A 132 6.94 4.18 -8.41
C ILE A 132 7.97 4.68 -7.40
N TYR A 133 8.86 5.57 -7.86
CA TYR A 133 9.87 6.21 -7.01
C TYR A 133 9.27 7.13 -5.97
N GLU A 134 8.25 7.89 -6.36
CA GLU A 134 7.55 8.77 -5.42
C GLU A 134 6.85 7.96 -4.33
N LEU A 135 6.22 6.87 -4.74
CA LEU A 135 5.57 5.93 -3.82
C LEU A 135 6.57 5.24 -2.89
N LEU A 136 7.70 4.81 -3.45
CA LEU A 136 8.83 4.30 -2.69
C LEU A 136 9.35 5.23 -1.61
N LYS A 137 9.24 6.54 -1.83
CA LYS A 137 9.62 7.55 -0.81
C LYS A 137 8.66 7.53 0.38
N ALA A 138 7.38 7.39 0.06
CA ALA A 138 6.32 7.33 1.05
C ALA A 138 6.49 6.07 1.86
N LEU A 139 6.81 4.97 1.15
CA LEU A 139 6.98 3.67 1.81
C LEU A 139 8.19 3.62 2.70
N ASP A 140 9.36 4.00 2.18
CA ASP A 140 10.54 4.06 3.04
C ASP A 140 10.26 4.95 4.25
N TYR A 141 9.62 6.09 4.01
CA TYR A 141 9.31 7.00 5.11
C TYR A 141 8.46 6.35 6.20
N CYS A 142 7.36 5.67 5.85
CA CYS A 142 6.43 5.17 6.88
C CYS A 142 7.00 3.96 7.59
N HIS A 143 7.72 3.13 6.82
CA HIS A 143 8.50 2.02 7.35
C HIS A 143 9.57 2.51 8.35
N SER A 144 10.22 3.62 8.05
CA SER A 144 11.23 4.19 8.98
C SER A 144 10.58 4.69 10.26
N GLN A 145 9.35 5.14 10.14
CA GLN A 145 8.62 5.70 11.26
C GLN A 145 7.87 4.64 12.04
N GLY A 146 7.98 3.39 11.60
CA GLY A 146 7.51 2.23 12.34
C GLY A 146 6.14 1.73 11.91
N ILE A 147 5.66 2.23 10.76
CA ILE A 147 4.33 1.88 10.24
C ILE A 147 4.39 0.98 8.99
N MET A 148 3.52 -0.02 8.94
CA MET A 148 3.24 -0.75 7.71
C MET A 148 1.90 -0.25 7.24
N HIS A 149 1.81 0.11 5.95
CA HIS A 149 0.57 0.60 5.34
C HIS A 149 -0.48 -0.53 5.29
N ARG A 150 -0.02 -1.74 4.94
CA ARG A 150 -0.88 -2.93 4.82
C ARG A 150 -2.05 -2.84 3.84
N ASP A 151 -2.00 -1.88 2.91
CA ASP A 151 -3.05 -1.81 1.89
C ASP A 151 -2.58 -1.03 0.68
N VAL A 152 -1.39 -1.37 0.18
CA VAL A 152 -0.83 -0.68 -0.98
C VAL A 152 -1.49 -1.21 -2.24
N LYS A 153 -2.10 -0.30 -2.98
CA LYS A 153 -2.69 -0.61 -4.26
C LYS A 153 -2.82 0.73 -5.00
N PRO A 154 -3.09 0.68 -6.31
CA PRO A 154 -3.21 1.89 -7.11
C PRO A 154 -4.33 2.84 -6.66
N HIS A 155 -5.40 2.30 -6.09
CA HIS A 155 -6.54 3.08 -5.57
C HIS A 155 -6.12 3.95 -4.39
N ASN A 156 -5.12 3.50 -3.66
CA ASN A 156 -4.60 4.17 -2.50
C ASN A 156 -3.42 5.10 -2.81
N VAL A 157 -3.18 5.31 -4.11
CA VAL A 157 -2.11 6.18 -4.58
C VAL A 157 -2.72 7.28 -5.44
N MET A 158 -2.87 8.45 -4.85
CA MET A 158 -3.46 9.63 -5.50
C MET A 158 -2.42 10.37 -6.35
N ILE A 159 -2.75 10.64 -7.60
CA ILE A 159 -1.81 11.27 -8.50
C ILE A 159 -2.40 12.42 -9.32
N ASP A 160 -2.07 13.64 -8.90
CA ASP A 160 -2.12 14.81 -9.75
C ASP A 160 -0.99 14.67 -10.79
N HIS A 161 -1.35 14.36 -12.02
CA HIS A 161 -0.39 14.18 -13.09
C HIS A 161 0.17 15.50 -13.63
N GLU A 162 -0.60 16.57 -13.51
CA GLU A 162 -0.17 17.89 -13.95
C GLU A 162 1.02 18.37 -13.13
N LEU A 163 0.85 18.36 -11.81
CA LEU A 163 1.87 18.83 -10.89
C LEU A 163 2.85 17.73 -10.51
N ARG A 164 2.74 16.56 -11.16
CA ARG A 164 3.52 15.36 -10.82
C ARG A 164 3.53 15.06 -9.31
N LYS A 165 2.39 15.29 -8.66
CA LYS A 165 2.21 15.14 -7.22
C LYS A 165 1.59 13.77 -6.93
N LEU A 166 2.09 13.13 -5.88
CA LEU A 166 1.65 11.78 -5.51
C LEU A 166 1.46 11.71 -4.00
N ARG A 167 0.37 11.11 -3.58
CA ARG A 167 0.12 10.92 -2.14
C ARG A 167 -0.35 9.50 -1.87
N LEU A 168 0.25 8.89 -0.84
CA LEU A 168 -0.20 7.60 -0.40
C LEU A 168 -1.32 7.89 0.57
N ILE A 169 -2.51 7.39 0.24
CA ILE A 169 -3.70 7.64 1.06
C ILE A 169 -4.19 6.35 1.70
N ASP A 170 -5.30 6.47 2.42
CA ASP A 170 -6.02 5.36 3.04
C ASP A 170 -5.19 4.52 4.02
N TRP A 171 -4.84 5.14 5.13
CA TRP A 171 -4.13 4.49 6.22
C TRP A 171 -5.07 3.75 7.20
N GLY A 172 -6.22 3.29 6.68
CA GLY A 172 -7.21 2.58 7.49
C GLY A 172 -6.80 1.17 7.90
N LEU A 173 -5.95 0.54 7.08
CA LEU A 173 -5.40 -0.78 7.38
C LEU A 173 -3.96 -0.74 7.90
N ALA A 174 -3.37 0.45 7.97
CA ALA A 174 -2.00 0.61 8.45
C ALA A 174 -1.84 0.21 9.91
N GLU A 175 -0.62 -0.09 10.33
CA GLU A 175 -0.32 -0.63 11.67
C GLU A 175 1.15 -0.42 12.07
N PHE A 176 1.37 -0.08 13.35
CA PHE A 176 2.71 -0.04 13.94
C PHE A 176 3.43 -1.41 13.87
N TYR A 177 4.72 -1.41 13.52
CA TYR A 177 5.51 -2.67 13.56
C TYR A 177 6.17 -2.97 14.92
N HIS A 178 5.93 -4.19 15.42
CA HIS A 178 6.52 -4.70 16.65
C HIS A 178 7.14 -6.07 16.35
N PRO A 179 8.40 -6.29 16.78
CA PRO A 179 9.08 -7.57 16.54
C PRO A 179 8.38 -8.76 17.20
N GLY A 180 8.18 -9.83 16.44
CA GLY A 180 7.49 -11.00 16.95
C GLY A 180 6.00 -10.79 17.24
N LYS A 181 5.43 -9.68 16.78
CA LYS A 181 3.99 -9.49 16.92
C LYS A 181 3.22 -10.17 15.76
N GLU A 182 2.26 -10.99 16.16
CA GLU A 182 1.49 -11.77 15.23
C GLU A 182 0.28 -10.93 14.79
N TYR A 183 0.16 -10.73 13.48
CA TYR A 183 -0.86 -9.83 12.93
C TYR A 183 -2.00 -10.58 12.26
N ASN A 184 -3.09 -9.85 12.01
CA ASN A 184 -4.22 -10.31 11.23
C ASN A 184 -3.81 -10.36 9.77
N VAL A 185 -4.09 -11.47 9.11
CA VAL A 185 -3.75 -11.63 7.70
C VAL A 185 -4.92 -11.18 6.81
N ARG A 186 -6.02 -10.80 7.45
CA ARG A 186 -7.21 -10.31 6.75
C ARG A 186 -7.07 -8.80 6.51
N VAL A 187 -5.89 -8.43 5.99
CA VAL A 187 -5.52 -7.06 5.67
C VAL A 187 -5.20 -6.95 4.18
N ALA A 188 -4.76 -5.77 3.74
CA ALA A 188 -4.54 -5.50 2.32
C ALA A 188 -5.79 -5.77 1.50
N SER A 189 -5.72 -5.53 0.19
CA SER A 189 -6.80 -5.88 -0.70
C SER A 189 -6.38 -7.13 -1.45
N ARG A 190 -7.34 -7.94 -1.90
CA ARG A 190 -7.03 -9.30 -2.37
C ARG A 190 -5.82 -9.44 -3.31
N TYR A 191 -5.83 -8.68 -4.41
CA TYR A 191 -4.85 -8.83 -5.48
C TYR A 191 -3.46 -8.33 -5.11
N PHE A 192 -3.35 -7.79 -3.90
CA PHE A 192 -2.12 -7.19 -3.42
C PHE A 192 -1.71 -7.81 -2.10
N LYS A 193 -2.39 -8.90 -1.76
CA LYS A 193 -2.07 -9.72 -0.59
C LYS A 193 -0.83 -10.57 -0.89
N GLY A 194 0.15 -10.48 0.00
CA GLY A 194 1.40 -11.19 -0.19
C GLY A 194 1.25 -12.64 0.21
N PRO A 195 2.12 -13.53 -0.33
CA PRO A 195 2.05 -14.95 -0.01
C PRO A 195 1.87 -15.20 1.48
N GLU A 196 2.56 -14.41 2.31
CA GLU A 196 2.49 -14.54 3.75
C GLU A 196 1.08 -14.42 4.37
N LEU A 197 0.27 -13.53 3.82
CA LEU A 197 -1.11 -13.37 4.27
C LEU A 197 -1.96 -14.57 3.86
N LEU A 198 -1.80 -14.95 2.59
CA LEU A 198 -2.44 -16.11 1.99
C LEU A 198 -2.09 -17.49 2.61
N VAL A 199 -0.87 -17.62 3.16
CA VAL A 199 -0.42 -18.88 3.76
C VAL A 199 -0.47 -18.86 5.28
N ASP A 200 -0.98 -17.77 5.84
CA ASP A 200 -1.23 -17.66 7.28
C ASP A 200 0.03 -17.44 8.12
N LEU A 201 1.06 -16.89 7.48
CA LEU A 201 2.26 -16.44 8.18
C LEU A 201 1.91 -15.08 8.79
N GLN A 202 1.78 -15.06 10.11
CA GLN A 202 1.26 -13.90 10.81
C GLN A 202 2.31 -12.91 11.32
N ASP A 203 3.56 -13.36 11.46
CA ASP A 203 4.59 -12.46 11.98
C ASP A 203 5.32 -11.70 10.87
N TYR A 204 4.53 -11.05 10.02
CA TYR A 204 5.04 -10.36 8.84
C TYR A 204 5.40 -8.92 9.21
N ASP A 205 5.91 -8.16 8.24
CA ASP A 205 6.46 -6.84 8.51
C ASP A 205 6.33 -5.92 7.31
N TYR A 206 7.21 -4.93 7.23
CA TYR A 206 7.19 -3.90 6.19
C TYR A 206 7.25 -4.47 4.80
N SER A 207 7.94 -5.61 4.64
CA SER A 207 8.10 -6.32 3.35
C SER A 207 6.79 -6.65 2.66
N LEU A 208 5.71 -6.77 3.43
CA LEU A 208 4.40 -7.02 2.86
C LEU A 208 4.07 -5.94 1.83
N ASP A 209 4.43 -4.70 2.15
CA ASP A 209 4.15 -3.57 1.27
C ASP A 209 4.92 -3.59 -0.02
N MET A 210 6.04 -4.30 -0.01
CA MET A 210 6.88 -4.40 -1.19
C MET A 210 6.35 -5.45 -2.17
N TRP A 211 5.66 -6.47 -1.67
CA TRP A 211 4.92 -7.39 -2.53
C TRP A 211 3.79 -6.63 -3.26
N SER A 212 2.93 -5.96 -2.48
CA SER A 212 1.84 -5.14 -3.00
C SER A 212 2.33 -4.14 -4.03
N LEU A 213 3.40 -3.42 -3.66
CA LEU A 213 4.09 -2.54 -4.59
C LEU A 213 4.44 -3.26 -5.89
N GLY A 214 5.02 -4.45 -5.75
CA GLY A 214 5.44 -5.24 -6.91
C GLY A 214 4.31 -5.67 -7.81
N CYS A 215 3.21 -6.12 -7.18
CA CYS A 215 1.96 -6.47 -7.89
C CYS A 215 1.53 -5.26 -8.70
N MET A 216 1.45 -4.12 -8.02
CA MET A 216 1.07 -2.85 -8.63
C MET A 216 2.02 -2.44 -9.76
N PHE A 217 3.31 -2.72 -9.58
CA PHE A 217 4.32 -2.43 -10.61
C PHE A 217 4.24 -3.39 -11.81
N ALA A 218 4.03 -4.68 -11.58
CA ALA A 218 3.83 -5.65 -12.67
C ALA A 218 2.61 -5.37 -13.53
N GLY A 219 1.52 -4.95 -12.89
CA GLY A 219 0.33 -4.52 -13.60
C GLY A 219 0.53 -3.31 -14.49
N MET A 220 1.39 -2.39 -14.07
CA MET A 220 1.68 -1.17 -14.83
C MET A 220 2.54 -1.45 -16.07
N ILE A 221 3.68 -2.13 -15.87
CA ILE A 221 4.59 -2.45 -16.98
C ILE A 221 4.04 -3.51 -17.94
N PHE A 222 3.26 -4.45 -17.42
CA PHE A 222 2.72 -5.54 -18.25
C PHE A 222 1.29 -5.29 -18.74
N ARG A 223 0.68 -4.22 -18.24
CA ARG A 223 -0.71 -3.83 -18.56
C ARG A 223 -1.73 -4.96 -18.37
N LYS A 224 -1.59 -5.61 -17.23
CA LYS A 224 -2.47 -6.67 -16.77
C LYS A 224 -2.81 -6.29 -15.31
N GLU A 225 -3.99 -5.72 -15.13
CA GLU A 225 -4.39 -5.13 -13.86
C GLU A 225 -5.78 -5.64 -13.43
N PRO A 226 -5.87 -6.27 -12.26
CA PRO A 226 -4.72 -6.69 -11.43
C PRO A 226 -3.82 -7.68 -12.17
N PHE A 227 -2.53 -7.68 -11.83
CA PHE A 227 -1.59 -8.63 -12.38
C PHE A 227 -1.94 -10.04 -11.92
N PHE A 228 -2.12 -10.20 -10.61
CA PHE A 228 -2.60 -11.46 -10.04
C PHE A 228 -4.13 -11.38 -9.79
N TYR A 229 -4.91 -11.98 -10.69
CA TYR A 229 -6.38 -12.00 -10.54
C TYR A 229 -6.95 -13.30 -9.92
N GLY A 230 -6.93 -13.37 -8.59
CA GLY A 230 -7.58 -14.45 -7.88
C GLY A 230 -9.01 -14.09 -7.50
N HIS A 231 -9.90 -15.08 -7.57
CA HIS A 231 -11.31 -14.86 -7.22
C HIS A 231 -11.51 -14.84 -5.70
N ASP A 232 -10.91 -15.78 -4.99
CA ASP A 232 -10.90 -15.72 -3.52
C ASP A 232 -9.50 -15.95 -2.97
N ASN A 233 -9.35 -15.92 -1.64
CA ASN A 233 -8.03 -15.99 -1.02
C ASN A 233 -7.19 -17.21 -1.42
N HIS A 234 -7.86 -18.27 -1.86
CA HIS A 234 -7.19 -19.47 -2.31
C HIS A 234 -6.79 -19.37 -3.77
N ASP A 235 -7.66 -18.77 -4.58
CA ASP A 235 -7.41 -18.56 -6.01
C ASP A 235 -6.34 -17.45 -6.21
N GLN A 236 -6.11 -16.65 -5.18
CA GLN A 236 -5.02 -15.68 -5.16
C GLN A 236 -3.65 -16.38 -5.09
N LEU A 237 -3.45 -17.22 -4.07
CA LEU A 237 -2.23 -18.01 -3.95
C LEU A 237 -1.99 -18.87 -5.19
N VAL A 238 -3.05 -19.46 -5.73
CA VAL A 238 -2.97 -20.31 -6.93
C VAL A 238 -2.47 -19.52 -8.13
N LYS A 239 -2.99 -18.30 -8.30
CA LYS A 239 -2.52 -17.42 -9.36
C LYS A 239 -1.06 -16.96 -9.14
N ILE A 240 -0.64 -16.75 -7.90
CA ILE A 240 0.76 -16.48 -7.62
C ILE A 240 1.61 -17.69 -8.06
N ALA A 241 1.23 -18.89 -7.62
CA ALA A 241 1.99 -20.13 -7.87
C ALA A 241 2.05 -20.51 -9.33
N LYS A 242 0.99 -20.20 -10.08
CA LYS A 242 0.91 -20.44 -11.52
C LYS A 242 1.91 -19.58 -12.29
N VAL A 243 2.55 -18.65 -11.60
CA VAL A 243 3.57 -17.79 -12.19
C VAL A 243 4.92 -18.05 -11.53
N LEU A 244 4.97 -17.89 -10.21
CA LEU A 244 6.23 -17.96 -9.48
C LEU A 244 6.82 -19.37 -9.33
N GLY A 245 6.05 -20.38 -9.75
CA GLY A 245 6.40 -21.78 -9.57
C GLY A 245 6.12 -22.27 -8.16
N THR A 246 5.80 -23.55 -8.02
CA THR A 246 5.47 -24.16 -6.72
C THR A 246 6.71 -24.65 -5.97
N ASP A 247 7.78 -24.91 -6.72
CA ASP A 247 9.10 -25.19 -6.14
C ASP A 247 9.54 -24.06 -5.20
N GLY A 248 9.51 -22.83 -5.69
CA GLY A 248 9.84 -21.65 -4.87
C GLY A 248 8.97 -21.53 -3.63
N LEU A 249 7.72 -21.98 -3.73
CA LEU A 249 6.78 -21.92 -2.62
C LEU A 249 7.14 -22.88 -1.50
N ASN A 250 7.48 -24.12 -1.87
CA ASN A 250 7.72 -25.16 -0.89
C ASN A 250 8.93 -24.94 0.03
N VAL A 251 10.04 -24.47 -0.54
CA VAL A 251 11.22 -24.03 0.24
C VAL A 251 10.82 -22.93 1.24
N TYR A 252 10.05 -21.95 0.75
CA TYR A 252 9.47 -20.88 1.56
C TYR A 252 8.59 -21.41 2.71
N LEU A 253 7.68 -22.34 2.37
CA LEU A 253 6.85 -23.01 3.38
C LEU A 253 7.67 -23.77 4.41
N ASN A 254 8.73 -24.44 3.97
CA ASN A 254 9.68 -25.11 4.88
C ASN A 254 10.47 -24.14 5.77
N LYS A 255 10.91 -23.01 5.19
CA LYS A 255 11.67 -21.99 5.93
C LYS A 255 10.93 -21.43 7.15
N TYR A 256 9.64 -21.20 7.00
CA TYR A 256 8.85 -20.68 8.11
C TYR A 256 7.96 -21.77 8.71
N ARG A 257 8.14 -23.00 8.22
CA ARG A 257 7.53 -24.19 8.77
C ARG A 257 6.00 -24.11 8.70
N ILE A 258 5.53 -23.73 7.53
CA ILE A 258 4.12 -23.49 7.30
C ILE A 258 3.55 -24.64 6.48
N GLU A 259 2.59 -25.35 7.05
CA GLU A 259 1.82 -26.35 6.31
C GLU A 259 0.54 -25.70 5.75
N LEU A 260 0.22 -26.03 4.51
CA LEU A 260 -1.04 -25.61 3.89
C LEU A 260 -2.20 -26.57 4.24
N ASP A 261 -3.43 -26.05 4.19
CA ASP A 261 -4.62 -26.89 4.29
C ASP A 261 -4.71 -27.73 3.02
N PRO A 262 -5.19 -28.98 3.11
CA PRO A 262 -5.25 -29.87 1.94
C PRO A 262 -6.14 -29.34 0.80
N GLN A 263 -7.12 -28.51 1.16
CA GLN A 263 -8.00 -27.86 0.19
C GLN A 263 -7.18 -26.88 -0.66
N LEU A 264 -6.19 -26.27 -0.01
CA LEU A 264 -5.30 -25.30 -0.62
C LEU A 264 -4.28 -26.01 -1.49
N GLU A 265 -3.48 -26.88 -0.85
CA GLU A 265 -2.49 -27.73 -1.55
C GLU A 265 -3.00 -28.28 -2.87
N ALA A 266 -4.21 -28.83 -2.83
CA ALA A 266 -4.85 -29.45 -3.99
C ALA A 266 -5.15 -28.47 -5.14
N LEU A 267 -5.59 -27.28 -4.77
CA LEU A 267 -5.90 -26.21 -5.74
C LEU A 267 -4.65 -25.61 -6.34
N VAL A 268 -3.61 -25.50 -5.50
CA VAL A 268 -2.30 -25.00 -5.89
C VAL A 268 -1.62 -25.95 -6.87
N GLY A 269 -1.50 -27.21 -6.47
CA GLY A 269 -0.96 -28.27 -7.33
C GLY A 269 0.54 -28.14 -7.57
N ARG A 270 0.95 -28.36 -8.80
CA ARG A 270 2.35 -28.27 -9.19
C ARG A 270 2.51 -27.50 -10.50
N HIS A 271 3.29 -26.41 -10.42
CA HIS A 271 3.50 -25.50 -11.55
C HIS A 271 4.95 -25.08 -11.73
N SER A 272 5.39 -25.08 -12.98
CA SER A 272 6.66 -24.47 -13.34
C SER A 272 6.49 -22.95 -13.43
N ARG A 273 7.59 -22.25 -13.19
CA ARG A 273 7.63 -20.80 -13.21
C ARG A 273 7.49 -20.26 -14.64
N LYS A 274 6.56 -19.33 -14.81
CA LYS A 274 6.51 -18.47 -16.00
C LYS A 274 7.58 -17.40 -15.85
N PRO A 275 8.57 -17.38 -16.75
CA PRO A 275 9.53 -16.29 -16.79
C PRO A 275 8.83 -14.95 -16.96
N TRP A 276 9.30 -13.92 -16.27
CA TRP A 276 8.71 -12.58 -16.38
C TRP A 276 8.56 -12.09 -17.83
N LEU A 277 9.51 -12.46 -18.71
CA LEU A 277 9.47 -12.05 -20.13
C LEU A 277 8.30 -12.69 -20.89
N LYS A 278 7.63 -13.65 -20.27
CA LYS A 278 6.45 -14.28 -20.89
C LYS A 278 5.14 -13.52 -20.57
N PHE A 279 5.28 -12.25 -20.25
CA PHE A 279 4.16 -11.34 -20.02
C PHE A 279 4.27 -10.15 -20.97
N MET A 280 5.47 -9.98 -21.52
CA MET A 280 5.73 -8.96 -22.53
C MET A 280 5.02 -9.28 -23.85
N ASN A 281 4.18 -8.36 -24.28
CA ASN A 281 3.56 -8.44 -25.59
C ASN A 281 3.78 -7.12 -26.33
N ALA A 282 3.23 -7.01 -27.54
CA ALA A 282 3.33 -5.80 -28.34
C ALA A 282 2.82 -4.53 -27.62
N ASP A 283 1.77 -4.66 -26.82
CA ASP A 283 1.14 -3.55 -26.11
C ASP A 283 2.02 -2.92 -24.99
N ASN A 284 2.72 -3.77 -24.24
CA ASN A 284 3.49 -3.33 -23.07
C ASN A 284 5.01 -3.32 -23.30
N GLN A 285 5.43 -3.95 -24.40
CA GLN A 285 6.80 -3.94 -24.94
C GLN A 285 7.67 -2.71 -24.63
N HIS A 286 7.07 -1.51 -24.65
CA HIS A 286 7.80 -0.27 -24.43
C HIS A 286 8.08 0.04 -22.94
N LEU A 287 7.39 -0.67 -22.06
CA LEU A 287 7.51 -0.47 -20.61
C LEU A 287 8.38 -1.53 -19.94
N VAL A 288 8.77 -2.53 -20.71
CA VAL A 288 9.73 -3.55 -20.26
C VAL A 288 11.15 -3.20 -20.71
N SER A 289 12.08 -3.50 -19.80
CA SER A 289 13.51 -3.36 -20.03
C SER A 289 14.13 -4.42 -19.12
N PRO A 290 15.37 -4.85 -19.42
CA PRO A 290 16.03 -5.77 -18.49
C PRO A 290 16.02 -5.30 -17.03
N GLU A 291 16.10 -3.97 -16.82
CA GLU A 291 16.04 -3.35 -15.47
C GLU A 291 14.65 -3.43 -14.82
N ALA A 292 13.60 -3.17 -15.60
CA ALA A 292 12.22 -3.30 -15.11
C ALA A 292 11.99 -4.72 -14.63
N ILE A 293 12.48 -5.69 -15.39
CA ILE A 293 12.34 -7.10 -15.05
C ILE A 293 13.08 -7.42 -13.75
N ASP A 294 14.33 -6.96 -13.68
CA ASP A 294 15.25 -7.25 -12.59
C ASP A 294 14.76 -6.64 -11.29
N PHE A 295 14.22 -5.42 -11.39
CA PHE A 295 13.62 -4.72 -10.25
C PHE A 295 12.36 -5.46 -9.77
N LEU A 296 11.42 -5.72 -10.68
CA LEU A 296 10.20 -6.48 -10.37
C LEU A 296 10.47 -7.88 -9.78
N ASP A 297 11.45 -8.58 -10.35
CA ASP A 297 11.80 -9.92 -9.87
C ASP A 297 12.26 -9.87 -8.42
N LYS A 298 12.91 -8.78 -8.02
CA LYS A 298 13.37 -8.60 -6.63
C LYS A 298 12.27 -8.13 -5.66
N LEU A 299 11.13 -7.75 -6.21
CA LEU A 299 9.94 -7.42 -5.42
C LEU A 299 9.11 -8.67 -5.15
N LEU A 300 8.63 -9.28 -6.22
CA LEU A 300 7.80 -10.45 -6.11
C LEU A 300 8.64 -11.68 -5.83
N ARG A 301 8.87 -11.91 -4.53
CA ARG A 301 9.45 -13.14 -3.98
C ARG A 301 8.53 -13.66 -2.85
N TYR A 302 8.16 -14.94 -2.89
CA TYR A 302 7.41 -15.57 -1.78
C TYR A 302 7.99 -15.17 -0.42
N ASP A 303 9.32 -15.20 -0.34
CA ASP A 303 10.02 -14.96 0.90
C ASP A 303 10.09 -13.48 1.09
N HIS A 304 9.46 -13.01 2.15
CA HIS A 304 9.40 -11.59 2.40
C HIS A 304 10.76 -11.02 2.83
N GLN A 305 11.64 -11.90 3.28
CA GLN A 305 12.96 -11.48 3.71
C GLN A 305 13.94 -11.20 2.57
N GLU A 306 13.74 -11.87 1.43
CA GLU A 306 14.51 -11.64 0.18
C GLU A 306 14.11 -10.36 -0.55
N ARG A 307 12.84 -9.99 -0.41
CA ARG A 307 12.29 -8.75 -1.00
C ARG A 307 13.17 -7.51 -0.74
N LEU A 308 13.35 -6.69 -1.76
CA LEU A 308 13.97 -5.39 -1.57
C LEU A 308 13.22 -4.60 -0.51
N THR A 309 13.96 -3.83 0.29
CA THR A 309 13.33 -2.88 1.18
C THR A 309 13.06 -1.64 0.35
N ALA A 310 12.26 -0.72 0.89
CA ALA A 310 11.93 0.49 0.13
C ALA A 310 13.16 1.37 -0.16
N LEU A 311 14.15 1.33 0.72
CA LEU A 311 15.38 2.11 0.60
C LEU A 311 16.37 1.50 -0.41
N GLU A 312 16.49 0.18 -0.44
CA GLU A 312 17.23 -0.55 -1.48
C GLU A 312 16.59 -0.42 -2.84
N ALA A 313 15.26 -0.38 -2.87
CA ALA A 313 14.53 -0.36 -4.12
C ALA A 313 14.75 0.96 -4.87
N MET A 314 14.92 2.03 -4.10
CA MET A 314 15.12 3.36 -4.63
C MET A 314 16.50 3.52 -5.25
N THR A 315 17.46 2.70 -4.84
CA THR A 315 18.79 2.73 -5.47
C THR A 315 18.96 1.80 -6.67
N HIS A 316 17.89 1.12 -7.07
CA HIS A 316 17.98 0.19 -8.17
C HIS A 316 18.27 0.98 -9.43
N PRO A 317 19.19 0.46 -10.28
CA PRO A 317 19.54 1.15 -11.53
C PRO A 317 18.33 1.43 -12.40
N TYR A 318 17.21 0.75 -12.11
CA TYR A 318 15.94 1.04 -12.77
C TYR A 318 15.55 2.51 -12.59
N PHE A 319 15.84 3.07 -11.42
CA PHE A 319 15.46 4.45 -11.07
C PHE A 319 16.53 5.51 -11.36
N GLN A 320 17.59 5.08 -12.03
CA GLN A 320 18.78 5.87 -12.26
C GLN A 320 18.48 7.29 -12.79
N GLN A 321 17.72 7.37 -13.88
CA GLN A 321 17.34 8.62 -14.53
C GLN A 321 16.50 9.49 -13.60
N VAL A 322 15.71 8.85 -12.73
CA VAL A 322 14.84 9.55 -11.77
C VAL A 322 15.64 10.21 -10.65
N ARG A 323 16.58 9.46 -10.05
CA ARG A 323 17.55 10.01 -9.07
C ARG A 323 18.42 11.11 -9.67
N ALA A 324 18.77 10.98 -10.95
CA ALA A 324 19.62 11.94 -11.65
C ALA A 324 18.91 13.29 -11.80
N ALA A 325 17.62 13.25 -12.15
CA ALA A 325 16.81 14.46 -12.26
C ALA A 325 16.68 15.14 -10.90
N GLU A 326 16.56 14.33 -9.85
CA GLU A 326 16.47 14.81 -8.49
C GLU A 326 17.87 15.16 -7.94
#